data_2BVE
#
_entry.id   2BVE
#
_cell.length_a   31.974
_cell.length_b   70.961
_cell.length_c   102.650
_cell.angle_alpha   90.00
_cell.angle_beta   90.00
_cell.angle_gamma   90.00
#
_symmetry.space_group_name_H-M   'P 21 21 21'
#
loop_
_entity.id
_entity.type
_entity.pdbx_description
1 polymer SIALOADHESIN
2 non-polymer 'benzyl 3,5-dideoxy-5-(propanoylamino)-D-glycero-alpha-D-galacto-non-2-ulopyranosidonic acid'
3 water water
#
_entity_poly.entity_id   1
_entity_poly.type   'polypeptide(L)'
_entity_poly.pdbx_seq_one_letter_code
;TWGVSSPKNVQGLSGSCLLIPCIFSYPADVPVSNGITAIWYYDYSGKRQVVIHSGDPKLVDKRFRGRAELMGNMDHKVCN
LLLKDLKPEDSGTYNFRFEISDSNRWLDVKGTTVTVTTD
;
_entity_poly.pdbx_strand_id   A,B
#
# COMPACT_ATOMS: atom_id res chain seq x y z
N THR A 1 1.42 -16.92 -17.71
CA THR A 1 2.58 -17.56 -17.01
C THR A 1 2.47 -17.48 -15.48
N TRP A 2 2.39 -18.65 -14.84
CA TRP A 2 2.27 -18.75 -13.38
C TRP A 2 3.40 -18.14 -12.59
N GLY A 3 3.06 -17.29 -11.61
CA GLY A 3 4.10 -16.67 -10.81
C GLY A 3 3.63 -15.71 -9.72
N VAL A 4 4.57 -15.36 -8.82
CA VAL A 4 4.30 -14.43 -7.72
C VAL A 4 5.55 -13.59 -7.54
N SER A 5 5.39 -12.27 -7.66
CA SER A 5 6.48 -11.30 -7.50
C SER A 5 6.24 -10.45 -6.26
N SER A 6 7.18 -10.52 -5.32
CA SER A 6 7.12 -9.78 -4.07
C SER A 6 8.59 -9.68 -3.65
N PRO A 7 8.92 -8.70 -2.80
CA PRO A 7 10.30 -8.50 -2.32
C PRO A 7 10.89 -9.67 -1.54
N LYS A 8 12.20 -9.82 -1.63
CA LYS A 8 12.91 -10.88 -0.92
C LYS A 8 13.01 -10.51 0.57
N ASN A 9 13.16 -9.22 0.84
CA ASN A 9 13.29 -8.69 2.20
C ASN A 9 12.49 -7.43 2.47
N VAL A 10 11.98 -7.32 3.69
CA VAL A 10 11.24 -6.14 4.09
C VAL A 10 11.51 -5.93 5.58
N GLN A 11 11.77 -4.67 5.98
CA GLN A 11 12.03 -4.36 7.38
C GLN A 11 10.99 -3.45 7.97
N GLY A 12 10.80 -3.57 9.28
CA GLY A 12 9.82 -2.77 9.98
C GLY A 12 10.19 -2.52 11.43
N LEU A 13 9.52 -1.57 12.08
CA LEU A 13 9.83 -1.25 13.47
C LEU A 13 8.67 -1.65 14.35
N SER A 14 9.00 -2.08 15.56
CA SER A 14 7.97 -2.52 16.51
C SER A 14 6.96 -1.41 16.83
N GLY A 15 5.67 -1.76 16.81
CA GLY A 15 4.62 -0.78 17.08
C GLY A 15 4.21 0.01 15.84
N SER A 16 4.90 -0.18 14.73
CA SER A 16 4.55 0.53 13.51
C SER A 16 3.82 -0.43 12.55
N CYS A 17 3.88 -0.15 11.25
CA CYS A 17 3.23 -1.00 10.24
C CYS A 17 4.21 -1.26 9.11
N LEU A 18 3.85 -2.18 8.23
CA LEU A 18 4.73 -2.47 7.12
C LEU A 18 3.93 -3.01 5.95
N LEU A 19 4.48 -2.80 4.75
CA LEU A 19 3.83 -3.22 3.53
C LEU A 19 4.73 -4.15 2.72
N ILE A 20 4.20 -5.32 2.39
CA ILE A 20 4.95 -6.24 1.56
C ILE A 20 4.31 -6.15 0.19
N PRO A 21 4.94 -5.41 -0.74
CA PRO A 21 4.38 -5.29 -2.09
C PRO A 21 4.28 -6.69 -2.73
N CYS A 22 3.25 -6.92 -3.53
CA CYS A 22 3.04 -8.22 -4.14
C CYS A 22 2.14 -8.20 -5.36
N ILE A 23 2.52 -8.98 -6.35
CA ILE A 23 1.77 -9.12 -7.60
C ILE A 23 1.86 -10.59 -8.09
N PHE A 24 0.83 -11.08 -8.77
CA PHE A 24 0.88 -12.45 -9.25
C PHE A 24 0.40 -12.55 -10.69
N SER A 25 0.58 -13.71 -11.30
CA SER A 25 0.17 -13.92 -12.67
C SER A 25 -0.12 -15.39 -12.93
N TYR A 26 -0.79 -15.62 -14.06
CA TYR A 26 -1.16 -16.95 -14.52
C TYR A 26 -1.57 -16.85 -15.99
N PRO A 27 -1.60 -17.98 -16.71
CA PRO A 27 -1.97 -18.03 -18.13
C PRO A 27 -3.32 -17.44 -18.50
N ALA A 28 -3.36 -16.85 -19.69
CA ALA A 28 -4.56 -16.22 -20.21
C ALA A 28 -5.73 -17.19 -20.42
N ASP A 29 -5.43 -18.45 -20.73
CA ASP A 29 -6.49 -19.45 -20.96
C ASP A 29 -7.02 -20.13 -19.70
N VAL A 30 -6.60 -19.64 -18.53
CA VAL A 30 -7.10 -20.18 -17.27
C VAL A 30 -8.46 -19.55 -16.95
N PRO A 31 -9.52 -20.37 -16.90
CA PRO A 31 -10.85 -19.84 -16.60
C PRO A 31 -10.97 -19.32 -15.17
N VAL A 32 -11.75 -18.25 -14.99
CA VAL A 32 -11.95 -17.69 -13.66
C VAL A 32 -13.41 -17.27 -13.54
N SER A 33 -14.26 -18.18 -13.07
CA SER A 33 -15.68 -17.88 -12.96
C SER A 33 -16.04 -17.21 -11.65
N ASN A 34 -15.65 -17.82 -10.55
CA ASN A 34 -15.96 -17.23 -9.25
C ASN A 34 -14.77 -16.70 -8.46
N GLY A 35 -14.16 -15.64 -8.98
CA GLY A 35 -13.05 -15.03 -8.29
C GLY A 35 -11.84 -15.89 -7.93
N ILE A 36 -11.00 -15.31 -7.06
CA ILE A 36 -9.77 -15.95 -6.62
C ILE A 36 -9.61 -15.83 -5.11
N THR A 37 -9.23 -16.93 -4.47
CA THR A 37 -9.01 -16.95 -3.05
C THR A 37 -7.57 -16.53 -2.79
N ALA A 38 -7.37 -15.65 -1.82
CA ALA A 38 -6.04 -15.16 -1.49
C ALA A 38 -5.61 -15.65 -0.11
N ILE A 39 -4.38 -16.16 -0.02
CA ILE A 39 -3.89 -16.65 1.26
C ILE A 39 -2.41 -16.31 1.51
N TRP A 40 -2.13 -15.82 2.71
CA TRP A 40 -0.78 -15.51 3.13
C TRP A 40 -0.41 -16.44 4.31
N TYR A 41 0.79 -16.98 4.26
CA TYR A 41 1.28 -17.87 5.32
C TYR A 41 2.51 -17.26 6.03
N TYR A 42 2.64 -17.56 7.32
CA TYR A 42 3.75 -17.13 8.15
C TYR A 42 4.52 -18.37 8.60
N ASP A 43 5.81 -18.43 8.29
CA ASP A 43 6.64 -19.57 8.63
C ASP A 43 6.04 -20.89 8.06
N TYR A 44 5.70 -20.88 6.78
CA TYR A 44 5.08 -22.04 6.13
C TYR A 44 5.71 -23.39 6.48
N SER A 45 7.04 -23.49 6.37
CA SER A 45 7.75 -24.73 6.63
C SER A 45 7.89 -25.10 8.11
N GLY A 46 7.44 -24.22 8.98
CA GLY A 46 7.50 -24.48 10.43
C GLY A 46 6.13 -24.51 11.10
N LYS A 47 5.72 -23.40 11.72
CA LYS A 47 4.42 -23.37 12.40
C LYS A 47 3.24 -23.34 11.43
N ARG A 48 3.49 -22.83 10.23
CA ARG A 48 2.45 -22.75 9.20
C ARG A 48 1.19 -22.01 9.70
N GLN A 49 1.33 -20.73 10.02
CA GLN A 49 0.16 -19.99 10.49
C GLN A 49 -0.47 -19.14 9.39
N VAL A 50 -1.81 -19.03 9.42
CA VAL A 50 -2.55 -18.24 8.44
C VAL A 50 -2.63 -16.78 8.88
N VAL A 51 -2.22 -15.91 7.97
CA VAL A 51 -2.20 -14.47 8.16
C VAL A 51 -3.42 -13.84 7.49
N ILE A 52 -3.72 -14.29 6.27
CA ILE A 52 -4.83 -13.78 5.51
C ILE A 52 -5.51 -14.96 4.83
N HIS A 53 -6.83 -14.97 4.82
CA HIS A 53 -7.57 -16.01 4.10
C HIS A 53 -8.90 -15.43 3.58
N SER A 54 -8.87 -14.91 2.35
CA SER A 54 -10.04 -14.29 1.72
C SER A 54 -11.19 -15.26 1.54
N GLY A 55 -10.89 -16.56 1.63
CA GLY A 55 -11.92 -17.57 1.46
C GLY A 55 -12.51 -18.15 2.74
N ASP A 56 -11.70 -18.31 3.77
CA ASP A 56 -12.19 -18.88 5.01
C ASP A 56 -11.50 -18.14 6.17
N PRO A 57 -11.80 -16.84 6.31
CA PRO A 57 -11.21 -16.00 7.35
C PRO A 57 -11.13 -16.56 8.78
N LYS A 58 -11.94 -17.55 9.13
CA LYS A 58 -11.83 -18.10 10.49
C LYS A 58 -10.57 -18.95 10.66
N LEU A 59 -9.85 -19.18 9.57
CA LEU A 59 -8.61 -19.95 9.60
C LEU A 59 -7.42 -19.07 10.04
N VAL A 60 -7.59 -17.75 9.95
CA VAL A 60 -6.54 -16.81 10.35
C VAL A 60 -6.17 -17.03 11.82
N ASP A 61 -4.89 -17.31 12.06
CA ASP A 61 -4.36 -17.53 13.39
C ASP A 61 -4.60 -16.28 14.25
N LYS A 62 -4.92 -16.50 15.53
CA LYS A 62 -5.21 -15.39 16.44
C LYS A 62 -4.06 -14.40 16.55
N ARG A 63 -2.86 -14.89 16.26
CA ARG A 63 -1.63 -14.10 16.27
C ARG A 63 -1.74 -12.88 15.34
N PHE A 64 -2.39 -13.07 14.19
CA PHE A 64 -2.55 -12.02 13.19
C PHE A 64 -3.92 -11.40 13.11
N ARG A 65 -4.91 -12.00 13.77
CA ARG A 65 -6.26 -11.48 13.74
C ARG A 65 -6.30 -9.98 14.08
N GLY A 66 -6.92 -9.21 13.19
CA GLY A 66 -7.01 -7.77 13.35
C GLY A 66 -5.71 -7.00 13.07
N ARG A 67 -4.63 -7.71 12.73
CA ARG A 67 -3.36 -7.04 12.48
C ARG A 67 -2.86 -7.12 11.05
N ALA A 68 -3.44 -7.97 10.24
CA ALA A 68 -3.02 -8.10 8.86
C ALA A 68 -4.18 -7.88 7.93
N GLU A 69 -3.93 -7.17 6.83
CA GLU A 69 -4.98 -6.95 5.86
C GLU A 69 -4.42 -6.95 4.43
N LEU A 70 -5.17 -7.58 3.53
CA LEU A 70 -4.77 -7.66 2.12
C LEU A 70 -5.19 -6.34 1.47
N MET A 71 -4.23 -5.64 0.86
CA MET A 71 -4.57 -4.38 0.22
C MET A 71 -5.06 -4.56 -1.22
N GLY A 72 -4.11 -4.80 -2.12
CA GLY A 72 -4.45 -5.00 -3.52
C GLY A 72 -5.77 -5.67 -3.86
N ASN A 73 -6.25 -5.40 -5.07
CA ASN A 73 -7.49 -6.00 -5.56
C ASN A 73 -7.12 -7.25 -6.36
N MET A 74 -7.69 -8.39 -5.98
CA MET A 74 -7.42 -9.63 -6.69
C MET A 74 -7.69 -9.47 -8.18
N ASP A 75 -8.72 -8.69 -8.50
CA ASP A 75 -9.10 -8.42 -9.89
C ASP A 75 -7.97 -7.80 -10.69
N HIS A 76 -7.13 -7.01 -10.02
CA HIS A 76 -6.03 -6.31 -10.67
C HIS A 76 -4.68 -7.06 -10.54
N LYS A 77 -4.73 -8.27 -9.99
CA LYS A 77 -3.55 -9.10 -9.80
C LYS A 77 -2.53 -8.53 -8.79
N VAL A 78 -3.04 -7.94 -7.71
CA VAL A 78 -2.19 -7.37 -6.65
C VAL A 78 -2.45 -8.14 -5.36
N CYS A 79 -1.38 -8.47 -4.63
CA CYS A 79 -1.50 -9.25 -3.40
C CYS A 79 -0.81 -8.60 -2.18
N ASN A 80 -0.65 -7.28 -2.23
CA ASN A 80 -0.01 -6.54 -1.15
C ASN A 80 -0.55 -6.86 0.23
N LEU A 81 0.37 -7.07 1.15
CA LEU A 81 -0.01 -7.38 2.50
C LEU A 81 0.44 -6.26 3.43
N LEU A 82 -0.50 -5.71 4.16
CA LEU A 82 -0.21 -4.68 5.12
C LEU A 82 -0.28 -5.36 6.47
N LEU A 83 0.75 -5.17 7.29
CA LEU A 83 0.80 -5.71 8.64
C LEU A 83 0.84 -4.53 9.60
N LYS A 84 -0.05 -4.53 10.60
CA LYS A 84 -0.16 -3.46 11.59
C LYS A 84 0.32 -3.85 12.98
N ASP A 85 0.63 -2.83 13.80
CA ASP A 85 1.06 -3.05 15.18
C ASP A 85 2.14 -4.10 15.33
N LEU A 86 3.17 -3.98 14.50
CA LEU A 86 4.27 -4.91 14.48
C LEU A 86 4.82 -5.30 15.85
N LYS A 87 5.31 -6.52 15.93
CA LYS A 87 5.92 -7.11 17.13
C LYS A 87 7.20 -7.79 16.64
N PRO A 88 8.24 -7.81 17.48
CA PRO A 88 9.49 -8.46 17.05
C PRO A 88 9.26 -9.91 16.60
N GLU A 89 8.30 -10.58 17.23
CA GLU A 89 7.99 -11.97 16.90
C GLU A 89 7.37 -12.13 15.50
N ASP A 90 6.94 -11.03 14.89
CA ASP A 90 6.39 -11.07 13.55
C ASP A 90 7.52 -11.38 12.54
N SER A 91 8.76 -11.29 13.00
CA SER A 91 9.90 -11.58 12.14
C SER A 91 9.88 -13.05 11.65
N GLY A 92 10.17 -13.24 10.37
CA GLY A 92 10.16 -14.57 9.79
C GLY A 92 9.75 -14.53 8.32
N THR A 93 9.32 -15.70 7.83
CA THR A 93 8.89 -15.85 6.43
C THR A 93 7.40 -15.68 6.15
N TYR A 94 7.09 -15.07 5.01
CA TYR A 94 5.72 -14.87 4.58
C TYR A 94 5.62 -15.30 3.13
N ASN A 95 4.65 -16.16 2.83
CA ASN A 95 4.47 -16.64 1.45
C ASN A 95 3.02 -16.48 1.04
N PHE A 96 2.81 -16.05 -0.19
CA PHE A 96 1.47 -15.86 -0.73
C PHE A 96 1.04 -17.07 -1.57
N ARG A 97 -0.27 -17.34 -1.55
CA ARG A 97 -0.87 -18.42 -2.33
C ARG A 97 -2.21 -17.93 -2.88
N PHE A 98 -2.50 -18.22 -4.15
CA PHE A 98 -3.78 -17.85 -4.70
C PHE A 98 -4.38 -19.11 -5.30
N GLU A 99 -5.69 -19.26 -5.13
CA GLU A 99 -6.40 -20.44 -5.61
C GLU A 99 -7.59 -20.01 -6.45
N ILE A 100 -7.59 -20.43 -7.71
CA ILE A 100 -8.68 -20.08 -8.62
C ILE A 100 -9.69 -21.23 -8.64
N SER A 101 -9.32 -22.33 -9.29
CA SER A 101 -10.20 -23.48 -9.39
C SER A 101 -9.47 -24.76 -9.80
N ASP A 102 -9.93 -25.91 -9.29
CA ASP A 102 -9.31 -27.21 -9.58
C ASP A 102 -7.78 -27.20 -9.38
N SER A 103 -7.01 -27.53 -10.41
CA SER A 103 -5.56 -27.57 -10.27
C SER A 103 -4.94 -26.20 -10.47
N ASN A 104 -5.77 -25.18 -10.71
CA ASN A 104 -5.25 -23.84 -10.90
C ASN A 104 -5.15 -23.08 -9.58
N ARG A 105 -4.12 -23.45 -8.83
CA ARG A 105 -3.81 -22.83 -7.54
C ARG A 105 -2.30 -22.79 -7.51
N TRP A 106 -1.75 -21.86 -6.76
CA TRP A 106 -0.31 -21.64 -6.73
C TRP A 106 0.27 -21.07 -5.44
N LEU A 107 1.28 -21.74 -4.87
CA LEU A 107 1.97 -21.23 -3.69
C LEU A 107 3.33 -20.73 -4.16
N ASP A 108 3.70 -19.52 -3.76
CA ASP A 108 5.01 -19.00 -4.11
C ASP A 108 5.97 -19.55 -3.06
N VAL A 109 6.99 -20.29 -3.49
CA VAL A 109 7.96 -20.85 -2.53
C VAL A 109 9.05 -19.85 -2.15
N LYS A 110 9.25 -18.81 -2.96
CA LYS A 110 10.24 -17.78 -2.66
C LYS A 110 9.86 -17.09 -1.35
N GLY A 111 8.75 -16.37 -1.35
CA GLY A 111 8.31 -15.67 -0.16
C GLY A 111 9.13 -14.43 0.20
N THR A 112 8.73 -13.78 1.30
CA THR A 112 9.40 -12.58 1.74
C THR A 112 9.86 -12.77 3.15
N THR A 113 11.08 -12.33 3.46
CA THR A 113 11.55 -12.44 4.83
C THR A 113 11.33 -11.08 5.53
N VAL A 114 10.68 -11.12 6.69
CA VAL A 114 10.38 -9.93 7.46
C VAL A 114 11.31 -9.79 8.66
N THR A 115 11.81 -8.57 8.89
CA THR A 115 12.68 -8.30 10.02
C THR A 115 12.13 -7.12 10.80
N VAL A 116 11.59 -7.37 12.00
CA VAL A 116 11.02 -6.31 12.83
C VAL A 116 11.96 -5.98 13.99
N THR A 117 12.34 -4.71 14.13
CA THR A 117 13.24 -4.33 15.23
C THR A 117 12.47 -3.53 16.27
N THR A 118 13.10 -3.32 17.42
CA THR A 118 12.46 -2.56 18.50
C THR A 118 12.67 -1.08 18.30
N ASP A 119 13.90 -0.71 17.97
CA ASP A 119 14.23 0.68 17.71
C ASP A 119 14.84 0.78 16.33
N THR B 1 -15.53 17.06 -13.56
CA THR B 1 -15.10 18.36 -12.95
C THR B 1 -13.72 18.19 -12.31
N TRP B 2 -12.96 19.27 -12.17
CA TRP B 2 -11.63 19.15 -11.55
C TRP B 2 -11.67 19.27 -10.05
N GLY B 3 -10.97 18.37 -9.37
CA GLY B 3 -10.96 18.45 -7.92
C GLY B 3 -10.23 17.32 -7.24
N VAL B 4 -10.04 17.50 -5.94
CA VAL B 4 -9.40 16.55 -5.06
C VAL B 4 -10.10 16.60 -3.70
N SER B 5 -10.23 15.44 -3.07
CA SER B 5 -10.85 15.37 -1.76
C SER B 5 -10.05 14.48 -0.83
N SER B 6 -9.53 15.11 0.23
CA SER B 6 -8.78 14.44 1.29
C SER B 6 -9.30 15.15 2.53
N PRO B 7 -9.35 14.47 3.69
CA PRO B 7 -9.84 15.08 4.93
C PRO B 7 -9.16 16.37 5.35
N LYS B 8 -9.94 17.31 5.89
CA LYS B 8 -9.36 18.56 6.35
C LYS B 8 -8.29 18.35 7.44
N ASN B 9 -8.49 17.36 8.31
CA ASN B 9 -7.55 17.05 9.41
C ASN B 9 -7.38 15.55 9.67
N VAL B 10 -6.16 15.16 10.03
CA VAL B 10 -5.87 13.77 10.33
C VAL B 10 -4.92 13.76 11.50
N GLN B 11 -5.12 12.80 12.40
CA GLN B 11 -4.28 12.63 13.60
C GLN B 11 -3.50 11.33 13.54
N GLY B 12 -2.32 11.33 14.15
CA GLY B 12 -1.50 10.13 14.14
C GLY B 12 -0.59 10.10 15.35
N LEU B 13 -0.25 8.88 15.77
CA LEU B 13 0.61 8.64 16.93
C LEU B 13 2.07 8.42 16.53
N SER B 14 2.98 9.08 17.22
CA SER B 14 4.40 8.94 16.91
C SER B 14 4.79 7.45 16.97
N GLY B 15 5.54 7.00 15.96
CA GLY B 15 5.96 5.61 15.88
C GLY B 15 4.92 4.63 15.30
N SER B 16 3.76 5.17 14.95
CA SER B 16 2.68 4.35 14.38
C SER B 16 2.55 4.67 12.86
N CYS B 17 1.36 4.41 12.32
CA CYS B 17 1.07 4.68 10.92
C CYS B 17 -0.22 5.47 10.78
N LEU B 18 -0.37 6.18 9.67
CA LEU B 18 -1.56 6.93 9.42
C LEU B 18 -1.91 6.85 7.92
N LEU B 19 -3.20 6.95 7.62
CA LEU B 19 -3.69 6.88 6.25
C LEU B 19 -4.49 8.14 5.91
N ILE B 20 -4.11 8.79 4.83
CA ILE B 20 -4.83 9.96 4.39
C ILE B 20 -5.70 9.47 3.22
N PRO B 21 -7.01 9.32 3.45
CA PRO B 21 -7.90 8.87 2.38
C PRO B 21 -7.93 10.00 1.34
N CYS B 22 -8.05 9.64 0.06
CA CYS B 22 -8.00 10.66 -1.00
C CYS B 22 -8.62 10.20 -2.32
N ILE B 23 -9.43 11.07 -2.94
CA ILE B 23 -10.00 10.77 -4.26
C ILE B 23 -9.80 12.03 -5.10
N PHE B 24 -9.86 11.89 -6.43
CA PHE B 24 -9.71 13.05 -7.29
C PHE B 24 -10.58 12.90 -8.54
N SER B 25 -10.70 13.99 -9.31
CA SER B 25 -11.46 13.92 -10.53
C SER B 25 -11.10 14.99 -11.54
N TYR B 26 -11.50 14.71 -12.78
CA TYR B 26 -11.28 15.60 -13.88
C TYR B 26 -12.41 15.32 -14.88
N PRO B 27 -12.67 16.27 -15.81
CA PRO B 27 -13.75 16.05 -16.77
C PRO B 27 -13.57 14.82 -17.65
N ALA B 28 -14.67 14.12 -17.83
CA ALA B 28 -14.70 12.90 -18.61
C ALA B 28 -14.23 13.10 -20.04
N ASP B 29 -14.32 14.33 -20.56
CA ASP B 29 -13.88 14.56 -21.92
C ASP B 29 -12.36 14.83 -22.03
N VAL B 30 -11.64 14.69 -20.92
CA VAL B 30 -10.19 14.90 -20.95
C VAL B 30 -9.54 13.54 -21.30
N PRO B 31 -8.75 13.49 -22.38
CA PRO B 31 -8.12 12.22 -22.72
C PRO B 31 -6.90 11.92 -21.88
N VAL B 32 -6.72 10.65 -21.54
CA VAL B 32 -5.60 10.19 -20.76
C VAL B 32 -4.86 9.16 -21.59
N SER B 33 -3.80 9.58 -22.27
CA SER B 33 -3.08 8.65 -23.13
C SER B 33 -1.72 8.16 -22.63
N ASN B 34 -1.13 8.86 -21.67
CA ASN B 34 0.15 8.43 -21.14
C ASN B 34 0.12 8.33 -19.62
N GLY B 35 -0.87 7.61 -19.11
CA GLY B 35 -0.96 7.48 -17.66
C GLY B 35 -1.07 8.83 -16.94
N ILE B 36 -1.24 8.74 -15.62
CA ILE B 36 -1.40 9.91 -14.76
C ILE B 36 -0.30 9.93 -13.70
N THR B 37 0.38 11.06 -13.58
CA THR B 37 1.43 11.18 -12.60
C THR B 37 0.87 11.66 -11.28
N ALA B 38 1.20 10.94 -10.22
CA ALA B 38 0.73 11.27 -8.89
C ALA B 38 1.85 11.86 -8.03
N ILE B 39 1.55 12.95 -7.33
CA ILE B 39 2.56 13.60 -6.47
C ILE B 39 1.93 14.13 -5.16
N TRP B 40 2.52 13.77 -4.02
CA TRP B 40 2.08 14.29 -2.72
C TRP B 40 3.22 15.19 -2.22
N TYR B 41 2.85 16.39 -1.75
CA TYR B 41 3.79 17.40 -1.25
C TYR B 41 3.64 17.65 0.27
N TYR B 42 4.77 17.87 0.95
CA TYR B 42 4.74 18.20 2.38
C TYR B 42 5.12 19.68 2.50
N ASP B 43 4.35 20.42 3.29
CA ASP B 43 4.67 21.84 3.49
C ASP B 43 4.97 22.58 2.17
N TYR B 44 4.06 22.38 1.22
CA TYR B 44 4.18 22.98 -0.11
C TYR B 44 4.60 24.44 -0.13
N SER B 45 3.94 25.27 0.68
CA SER B 45 4.24 26.71 0.71
C SER B 45 5.50 27.09 1.46
N GLY B 46 6.18 26.13 2.09
CA GLY B 46 7.43 26.40 2.80
C GLY B 46 8.63 25.59 2.31
N LYS B 47 8.92 24.46 2.96
CA LYS B 47 10.04 23.63 2.55
C LYS B 47 9.75 22.95 1.19
N ARG B 48 8.47 22.71 0.89
CA ARG B 48 8.08 22.08 -0.36
C ARG B 48 8.82 20.75 -0.63
N GLN B 49 8.56 19.73 0.18
CA GLN B 49 9.21 18.44 -0.01
C GLN B 49 8.30 17.40 -0.67
N VAL B 50 8.88 16.57 -1.53
CA VAL B 50 8.12 15.54 -2.24
C VAL B 50 8.02 14.28 -1.39
N VAL B 51 6.79 13.88 -1.09
CA VAL B 51 6.49 12.71 -0.28
C VAL B 51 6.29 11.46 -1.14
N ILE B 52 5.64 11.63 -2.28
CA ILE B 52 5.36 10.53 -3.22
C ILE B 52 5.48 11.15 -4.59
N HIS B 53 6.01 10.38 -5.55
CA HIS B 53 6.15 10.85 -6.92
C HIS B 53 6.22 9.64 -7.85
N SER B 54 5.05 9.24 -8.35
CA SER B 54 4.91 8.08 -9.22
C SER B 54 5.67 8.21 -10.57
N GLY B 55 5.87 9.44 -11.05
CA GLY B 55 6.56 9.67 -12.30
C GLY B 55 8.05 9.36 -12.21
N ASP B 56 8.69 9.77 -11.12
CA ASP B 56 10.11 9.50 -10.91
C ASP B 56 10.39 9.48 -9.42
N PRO B 57 10.34 8.28 -8.82
CA PRO B 57 10.56 8.07 -7.38
C PRO B 57 11.78 8.71 -6.75
N LYS B 58 12.84 8.92 -7.53
CA LYS B 58 14.04 9.51 -6.97
C LYS B 58 13.86 10.97 -6.57
N LEU B 59 12.72 11.54 -6.96
CA LEU B 59 12.41 12.92 -6.59
C LEU B 59 11.85 12.97 -5.16
N VAL B 60 11.50 11.80 -4.61
CA VAL B 60 11.00 11.74 -3.25
C VAL B 60 12.12 12.29 -2.35
N ASP B 61 11.74 13.14 -1.41
CA ASP B 61 12.70 13.73 -0.48
C ASP B 61 13.29 12.65 0.45
N LYS B 62 14.57 12.79 0.77
CA LYS B 62 15.23 11.84 1.67
C LYS B 62 14.47 11.64 3.00
N ARG B 63 13.85 12.71 3.47
CA ARG B 63 13.12 12.71 4.72
C ARG B 63 11.88 11.80 4.68
N PHE B 64 11.42 11.47 3.47
CA PHE B 64 10.25 10.60 3.33
C PHE B 64 10.54 9.28 2.61
N ARG B 65 11.69 9.17 1.97
CA ARG B 65 12.04 7.96 1.23
C ARG B 65 11.84 6.72 2.06
N GLY B 66 11.13 5.74 1.51
CA GLY B 66 10.88 4.52 2.27
C GLY B 66 9.88 4.58 3.42
N ARG B 67 9.28 5.75 3.72
CA ARG B 67 8.30 5.82 4.81
C ARG B 67 6.89 6.10 4.31
N ALA B 68 6.76 6.35 3.02
CA ALA B 68 5.47 6.69 2.46
C ALA B 68 5.14 5.91 1.21
N GLU B 69 3.85 5.69 1.02
CA GLU B 69 3.44 5.04 -0.20
C GLU B 69 2.02 5.28 -0.60
N LEU B 70 1.86 5.35 -1.91
CA LEU B 70 0.61 5.56 -2.57
C LEU B 70 -0.17 4.24 -2.48
N MET B 71 -1.39 4.31 -1.96
CA MET B 71 -2.23 3.11 -1.84
C MET B 71 -3.40 3.21 -2.79
N GLY B 72 -3.45 4.29 -3.56
CA GLY B 72 -4.55 4.45 -4.49
C GLY B 72 -4.26 4.04 -5.92
N ASN B 73 -5.30 3.58 -6.61
CA ASN B 73 -5.20 3.20 -8.02
C ASN B 73 -5.57 4.43 -8.84
N MET B 74 -4.62 4.93 -9.61
CA MET B 74 -4.85 6.13 -10.42
C MET B 74 -6.04 5.95 -11.37
N ASP B 75 -6.16 4.75 -11.93
CA ASP B 75 -7.24 4.40 -12.85
C ASP B 75 -8.62 4.48 -12.20
N HIS B 76 -8.70 4.21 -10.90
CA HIS B 76 -9.98 4.28 -10.20
C HIS B 76 -10.10 5.60 -9.46
N LYS B 77 -9.29 6.57 -9.85
CA LYS B 77 -9.34 7.88 -9.24
C LYS B 77 -9.22 7.95 -7.72
N VAL B 78 -8.35 7.11 -7.17
CA VAL B 78 -8.07 7.08 -5.74
C VAL B 78 -6.61 7.51 -5.53
N CYS B 79 -6.36 8.33 -4.51
CA CYS B 79 -5.00 8.82 -4.22
C CYS B 79 -4.53 8.63 -2.75
N ASN B 80 -5.10 7.65 -2.04
CA ASN B 80 -4.75 7.38 -0.64
C ASN B 80 -3.22 7.37 -0.38
N LEU B 81 -2.81 8.04 0.69
CA LEU B 81 -1.41 8.12 1.10
C LEU B 81 -1.20 7.41 2.45
N LEU B 82 -0.26 6.48 2.51
CA LEU B 82 0.07 5.79 3.76
C LEU B 82 1.42 6.34 4.29
N LEU B 83 1.45 6.78 5.56
CA LEU B 83 2.71 7.27 6.14
C LEU B 83 3.16 6.30 7.24
N LYS B 84 4.42 5.86 7.17
CA LYS B 84 4.99 4.91 8.13
C LYS B 84 5.96 5.52 9.13
N ASP B 85 6.10 4.85 10.28
CA ASP B 85 7.04 5.26 11.31
C ASP B 85 6.91 6.75 11.59
N LEU B 86 5.71 7.21 11.88
CA LEU B 86 5.47 8.64 12.14
C LEU B 86 6.39 9.31 13.17
N LYS B 87 6.74 10.58 12.93
CA LYS B 87 7.57 11.41 13.80
C LYS B 87 6.82 12.72 14.05
N PRO B 88 7.05 13.35 15.21
CA PRO B 88 6.34 14.61 15.45
C PRO B 88 6.63 15.57 14.29
N GLU B 89 7.84 15.49 13.75
CA GLU B 89 8.24 16.33 12.61
C GLU B 89 7.37 16.14 11.36
N ASP B 90 6.51 15.12 11.34
CA ASP B 90 5.68 14.90 10.17
C ASP B 90 4.39 15.74 10.20
N SER B 91 4.15 16.43 11.32
CA SER B 91 2.96 17.25 11.43
C SER B 91 3.12 18.36 10.41
N GLY B 92 2.01 18.70 9.76
CA GLY B 92 2.04 19.73 8.74
C GLY B 92 0.97 19.54 7.67
N THR B 93 1.12 20.25 6.55
CA THR B 93 0.16 20.16 5.45
C THR B 93 0.66 19.28 4.32
N TYR B 94 -0.23 18.41 3.87
CA TYR B 94 0.05 17.52 2.76
C TYR B 94 -1.00 17.87 1.69
N ASN B 95 -0.54 18.10 0.46
CA ASN B 95 -1.40 18.44 -0.67
C ASN B 95 -1.10 17.49 -1.82
N PHE B 96 -2.16 16.99 -2.45
CA PHE B 96 -1.99 16.08 -3.58
C PHE B 96 -2.06 16.82 -4.94
N ARG B 97 -1.31 16.32 -5.91
CA ARG B 97 -1.31 16.86 -7.27
C ARG B 97 -1.27 15.69 -8.23
N PHE B 98 -1.98 15.85 -9.35
CA PHE B 98 -1.93 14.84 -10.40
C PHE B 98 -1.74 15.56 -11.73
N GLU B 99 -1.03 14.90 -12.63
CA GLU B 99 -0.72 15.46 -13.93
C GLU B 99 -1.05 14.45 -15.01
N ILE B 100 -1.84 14.89 -15.99
CA ILE B 100 -2.20 13.99 -17.09
C ILE B 100 -1.34 14.36 -18.30
N SER B 101 -1.55 15.57 -18.81
CA SER B 101 -0.79 16.09 -19.93
C SER B 101 -1.14 17.56 -20.21
N ASP B 102 -0.19 18.27 -20.83
CA ASP B 102 -0.35 19.68 -21.20
C ASP B 102 -0.89 20.52 -20.03
N SER B 103 -1.95 21.30 -20.26
CA SER B 103 -2.51 22.14 -19.20
C SER B 103 -3.44 21.35 -18.27
N ASN B 104 -3.62 20.05 -18.55
CA ASN B 104 -4.47 19.24 -17.69
C ASN B 104 -3.67 18.66 -16.52
N ARG B 105 -3.43 19.50 -15.52
CA ARG B 105 -2.71 19.11 -14.30
C ARG B 105 -3.45 19.84 -13.19
N TRP B 106 -3.37 19.33 -11.97
CA TRP B 106 -4.10 19.93 -10.86
C TRP B 106 -3.48 19.76 -9.48
N LEU B 107 -3.23 20.88 -8.79
CA LEU B 107 -2.70 20.86 -7.43
C LEU B 107 -3.84 21.23 -6.48
N ASP B 108 -4.16 20.33 -5.55
CA ASP B 108 -5.24 20.64 -4.57
C ASP B 108 -4.69 21.68 -3.60
N VAL B 109 -5.36 22.82 -3.48
CA VAL B 109 -4.87 23.86 -2.60
C VAL B 109 -5.33 23.72 -1.14
N LYS B 110 -6.38 22.96 -0.88
CA LYS B 110 -6.90 22.77 0.48
C LYS B 110 -5.96 21.87 1.29
N GLY B 111 -5.81 20.64 0.83
CA GLY B 111 -4.93 19.70 1.50
C GLY B 111 -5.39 19.19 2.86
N THR B 112 -4.59 18.31 3.44
CA THR B 112 -4.88 17.73 4.74
C THR B 112 -3.85 18.16 5.77
N THR B 113 -4.33 18.69 6.91
CA THR B 113 -3.41 19.06 7.96
C THR B 113 -3.26 17.86 8.89
N VAL B 114 -2.03 17.38 9.00
CA VAL B 114 -1.70 16.24 9.82
C VAL B 114 -1.04 16.66 11.15
N THR B 115 -1.51 16.09 12.24
CA THR B 115 -0.98 16.37 13.57
C THR B 115 -0.48 15.08 14.23
N VAL B 116 0.84 14.93 14.38
CA VAL B 116 1.41 13.74 15.05
C VAL B 116 1.75 14.03 16.51
N THR B 117 1.12 13.29 17.42
CA THR B 117 1.33 13.44 18.85
C THR B 117 1.97 12.19 19.41
N THR B 118 2.72 12.36 20.48
CA THR B 118 3.39 11.24 21.10
C THR B 118 2.65 10.69 22.33
N ASP B 119 1.39 10.63 22.31
#